data_1KGS
#
_entry.id   1KGS
#
_cell.length_a   34.570
_cell.length_b   71.267
_cell.length_c   54.605
_cell.angle_alpha   90.00
_cell.angle_beta   106.56
_cell.angle_gamma   90.00
#
_symmetry.space_group_name_H-M   'P 1 21 1'
#
loop_
_entity.id
_entity.type
_entity.pdbx_description
1 polymer 'DNA BINDING RESPONSE REGULATOR D'
2 non-polymer 'THIOCYANATE ION'
3 water water
#
_entity_poly.entity_id   1
_entity_poly.type   'polypeptide(L)'
_entity_poly.pdbx_seq_one_letter_code
;(MSE)NVRVLVVEDERDLADLITEALKKE(MSE)FTVDVCYDGEEG(MSE)Y(MSE)ALNEPFDVVILDI(MSE)LPVHD
GWEILKS(MSE)RESGVNTPVL(MSE)LTALSDVEYRVKGLN(MSE)GADDYLPKPFDLRELIARVRALIRRKSESKSTK
LVCGDLILDTATKKAYRGSKEIDLTKKEYQILEYLV(MSE)NKNRVVTKEELQEHLWSFDDEVFSDVLRSHIKNLRKKVD
KGFKKKIIHTVRGIGYVARDE
;
_entity_poly.pdbx_strand_id   A
#
# COMPACT_ATOMS: atom_id res chain seq x y z
N ASN A 2 0.51 2.05 -18.72
CA ASN A 2 0.64 2.98 -17.56
C ASN A 2 -0.46 2.72 -16.54
N VAL A 3 -0.20 3.06 -15.28
CA VAL A 3 -1.18 2.98 -14.20
C VAL A 3 -2.41 3.85 -14.42
N ARG A 4 -3.56 3.18 -14.46
CA ARG A 4 -4.83 3.81 -14.79
C ARG A 4 -5.74 3.90 -13.61
N VAL A 5 -6.34 5.07 -13.44
CA VAL A 5 -7.27 5.29 -12.35
C VAL A 5 -8.58 5.78 -12.91
N LEU A 6 -9.69 5.27 -12.36
CA LEU A 6 -11.01 5.78 -12.63
C LEU A 6 -11.48 6.58 -11.43
N VAL A 7 -11.96 7.81 -11.65
CA VAL A 7 -12.54 8.65 -10.62
C VAL A 7 -14.01 8.84 -10.92
N VAL A 8 -14.89 8.47 -10.00
CA VAL A 8 -16.32 8.68 -10.18
C VAL A 8 -16.79 9.54 -9.02
N GLU A 9 -17.13 10.78 -9.34
CA GLU A 9 -17.46 11.80 -8.33
C GLU A 9 -18.33 12.87 -9.00
N ASP A 10 -19.50 13.15 -8.39
CA ASP A 10 -20.43 14.07 -9.03
C ASP A 10 -20.20 15.52 -8.70
N GLU A 11 -19.45 15.81 -7.63
CA GLU A 11 -19.08 17.18 -7.32
C GLU A 11 -17.91 17.46 -8.28
N ARG A 12 -18.19 18.13 -9.39
CA ARG A 12 -17.20 18.22 -10.46
C ARG A 12 -15.92 18.92 -10.11
N ASP A 13 -15.96 19.94 -9.29
CA ASP A 13 -14.73 20.61 -8.93
C ASP A 13 -13.80 19.65 -8.11
N LEU A 14 -14.40 18.82 -7.27
CA LEU A 14 -13.64 17.86 -6.50
C LEU A 14 -13.17 16.71 -7.40
N ALA A 15 -14.04 16.25 -8.28
CA ALA A 15 -13.68 15.22 -9.22
C ALA A 15 -12.46 15.65 -10.03
N ASP A 16 -12.51 16.89 -10.51
CA ASP A 16 -11.47 17.40 -11.36
C ASP A 16 -10.18 17.69 -10.58
N LEU A 17 -10.32 18.12 -9.31
CA LEU A 17 -9.17 18.30 -8.46
C LEU A 17 -8.42 16.96 -8.30
N ILE A 18 -9.16 15.91 -7.96
CA ILE A 18 -8.53 14.59 -7.81
C ILE A 18 -7.89 14.13 -9.11
N THR A 19 -8.63 14.29 -10.21
CA THR A 19 -8.18 13.84 -11.51
C THR A 19 -6.91 14.55 -11.92
N GLU A 20 -6.92 15.89 -11.83
CA GLU A 20 -5.74 16.65 -12.25
C GLU A 20 -4.56 16.47 -11.32
N ALA A 21 -4.81 16.30 -10.03
CA ALA A 21 -3.74 16.06 -9.07
C ALA A 21 -3.05 14.73 -9.42
N LEU A 22 -3.85 13.70 -9.76
CA LEU A 22 -3.27 12.44 -10.14
C LEU A 22 -2.52 12.53 -11.49
N LYS A 23 -3.09 13.24 -12.47
CA LYS A 23 -2.44 13.44 -13.74
C LYS A 23 -1.08 14.12 -13.59
N LYS A 24 -0.97 15.01 -12.60
CA LYS A 24 0.31 15.71 -12.36
C LYS A 24 1.40 14.76 -11.90
N GLU A 25 0.99 13.64 -11.30
CA GLU A 25 1.90 12.57 -10.88
C GLU A 25 2.06 11.47 -11.96
N PHE A 27 -0.18 9.61 -13.51
CA PHE A 27 -1.22 8.60 -13.67
C PHE A 27 -2.06 8.90 -14.94
N THR A 28 -2.61 7.85 -15.51
CA THR A 28 -3.55 8.00 -16.61
C THR A 28 -4.90 7.93 -15.93
N VAL A 29 -5.74 8.94 -16.10
CA VAL A 29 -6.98 9.00 -15.34
C VAL A 29 -8.19 9.25 -16.23
N ASP A 30 -9.28 8.52 -15.97
CA ASP A 30 -10.58 8.79 -16.58
C ASP A 30 -11.49 9.26 -15.46
N VAL A 31 -12.28 10.31 -15.73
CA VAL A 31 -13.18 10.86 -14.73
C VAL A 31 -14.62 10.78 -15.24
N CYS A 32 -15.51 10.43 -14.32
CA CYS A 32 -16.97 10.27 -14.56
C CYS A 32 -17.64 11.09 -13.46
N TYR A 33 -18.75 11.75 -13.83
CA TYR A 33 -19.42 12.64 -12.89
C TYR A 33 -20.78 12.10 -12.42
N ASP A 34 -21.11 10.86 -12.79
CA ASP A 34 -22.31 10.21 -12.31
C ASP A 34 -22.09 8.71 -12.29
N GLY A 35 -22.99 8.00 -11.60
CA GLY A 35 -22.90 6.56 -11.48
C GLY A 35 -23.33 5.75 -12.68
N GLU A 36 -23.97 6.38 -13.65
CA GLU A 36 -24.34 5.70 -14.88
C GLU A 36 -23.06 5.46 -15.70
N GLU A 37 -22.36 6.55 -16.05
CA GLU A 37 -21.13 6.42 -16.82
C GLU A 37 -20.11 5.72 -15.90
N GLY A 38 -20.16 5.98 -14.59
CA GLY A 38 -19.20 5.38 -13.66
C GLY A 38 -19.32 3.88 -13.64
N TYR A 40 -20.61 2.02 -16.01
CA TYR A 40 -20.21 1.48 -17.28
C TYR A 40 -18.66 1.34 -17.31
N ALA A 42 -16.48 1.27 -14.84
CA ALA A 42 -15.98 0.38 -13.81
C ALA A 42 -16.13 -1.08 -14.21
N LEU A 43 -17.18 -1.39 -14.96
CA LEU A 43 -17.38 -2.80 -15.36
C LEU A 43 -16.72 -3.18 -16.64
N ASN A 44 -16.51 -2.21 -17.52
CA ASN A 44 -16.14 -2.50 -18.89
C ASN A 44 -14.76 -2.10 -19.37
N GLU A 45 -14.04 -1.25 -18.64
CA GLU A 45 -12.72 -0.79 -19.04
C GLU A 45 -11.72 -1.08 -17.94
N PRO A 46 -10.53 -1.59 -18.27
CA PRO A 46 -9.56 -1.94 -17.23
C PRO A 46 -8.91 -0.75 -16.56
N PHE A 47 -8.89 -0.85 -15.23
CA PHE A 47 -8.19 0.14 -14.41
C PHE A 47 -7.32 -0.58 -13.40
N ASP A 48 -6.37 0.14 -12.83
CA ASP A 48 -5.55 -0.36 -11.73
C ASP A 48 -6.11 -0.04 -10.35
N VAL A 49 -6.85 1.07 -10.26
CA VAL A 49 -7.52 1.48 -9.05
C VAL A 49 -8.75 2.28 -9.46
N VAL A 50 -9.81 2.15 -8.69
CA VAL A 50 -11.05 2.89 -8.91
C VAL A 50 -11.37 3.68 -7.63
N ILE A 51 -11.66 4.96 -7.78
CA ILE A 51 -12.04 5.83 -6.71
C ILE A 51 -13.49 6.22 -6.90
N LEU A 52 -14.31 5.90 -5.88
CA LEU A 52 -15.75 6.13 -5.95
C LEU A 52 -16.20 6.94 -4.76
N ASP A 53 -17.12 7.86 -4.98
CA ASP A 53 -17.84 8.47 -3.86
C ASP A 53 -18.95 7.54 -3.41
N ILE A 54 -19.14 7.40 -2.10
CA ILE A 54 -20.26 6.65 -1.56
C ILE A 54 -21.60 7.15 -2.12
N LEU A 56 -23.50 8.88 -5.27
CA LEU A 56 -23.47 9.21 -6.67
C LEU A 56 -24.87 9.05 -7.23
N PRO A 57 -25.20 9.84 -8.24
CA PRO A 57 -26.49 9.70 -8.92
C PRO A 57 -26.54 8.42 -9.74
N VAL A 58 -27.74 7.88 -9.87
CA VAL A 58 -28.05 6.68 -10.66
C VAL A 58 -27.60 5.39 -9.97
N HIS A 59 -26.29 5.25 -9.75
CA HIS A 59 -25.75 4.13 -9.00
C HIS A 59 -24.73 4.67 -8.00
N ASP A 60 -24.96 4.41 -6.73
CA ASP A 60 -24.03 4.89 -5.71
C ASP A 60 -22.76 4.05 -5.69
N GLY A 61 -21.78 4.53 -4.93
CA GLY A 61 -20.49 3.88 -4.89
C GLY A 61 -20.56 2.43 -4.46
N TRP A 62 -21.34 2.12 -3.45
CA TRP A 62 -21.49 0.71 -3.05
C TRP A 62 -22.10 -0.13 -4.13
N GLU A 63 -23.08 0.40 -4.85
CA GLU A 63 -23.69 -0.35 -5.95
C GLU A 63 -22.65 -0.65 -7.03
N ILE A 64 -21.80 0.34 -7.34
CA ILE A 64 -20.77 0.13 -8.32
C ILE A 64 -19.79 -0.91 -7.85
N LEU A 65 -19.31 -0.78 -6.62
CA LEU A 65 -18.40 -1.77 -6.07
C LEU A 65 -18.98 -3.20 -6.10
N LYS A 66 -20.21 -3.35 -5.63
CA LYS A 66 -20.84 -4.67 -5.69
C LYS A 66 -20.96 -5.24 -7.08
N SER A 67 -21.35 -4.42 -8.04
CA SER A 67 -21.47 -4.85 -9.43
C SER A 67 -20.12 -5.27 -9.98
N ARG A 69 -17.51 -6.47 -8.27
CA ARG A 69 -17.14 -7.75 -7.68
C ARG A 69 -18.00 -8.90 -8.21
N GLU A 70 -19.28 -8.62 -8.38
CA GLU A 70 -20.24 -9.64 -8.89
C GLU A 70 -19.86 -10.03 -10.31
N SER A 71 -19.26 -9.14 -11.07
CA SER A 71 -18.81 -9.35 -12.44
C SER A 71 -17.38 -9.86 -12.57
N GLY A 72 -16.68 -10.10 -11.47
CA GLY A 72 -15.33 -10.59 -11.51
C GLY A 72 -14.28 -9.52 -11.73
N VAL A 73 -14.67 -8.28 -11.48
CA VAL A 73 -13.69 -7.18 -11.56
C VAL A 73 -13.24 -6.90 -10.13
N ASN A 74 -11.99 -7.29 -9.85
CA ASN A 74 -11.46 -7.24 -8.51
C ASN A 74 -10.55 -6.06 -8.21
N THR A 75 -10.51 -5.12 -9.14
CA THR A 75 -9.69 -3.90 -9.01
C THR A 75 -9.92 -3.26 -7.67
N PRO A 76 -8.84 -2.83 -7.01
CA PRO A 76 -9.05 -2.17 -5.72
C PRO A 76 -9.83 -0.86 -5.83
N VAL A 77 -10.69 -0.66 -4.85
CA VAL A 77 -11.55 0.50 -4.75
C VAL A 77 -11.24 1.30 -3.49
N LEU A 78 -11.01 2.60 -3.69
CA LEU A 78 -10.92 3.60 -2.63
C LEU A 78 -12.28 4.30 -2.62
N LEU A 80 -14.57 7.24 -1.23
CA LEU A 80 -14.62 8.56 -0.58
C LEU A 80 -15.91 8.62 0.20
N THR A 81 -15.83 8.92 1.49
CA THR A 81 -17.01 8.87 2.34
C THR A 81 -17.18 10.08 3.24
N ALA A 82 -18.30 10.09 3.97
CA ALA A 82 -18.49 11.09 5.01
C ALA A 82 -17.95 10.58 6.33
N LEU A 83 -18.17 9.32 6.60
CA LEU A 83 -17.81 8.70 7.87
C LEU A 83 -16.71 7.65 7.70
N SER A 84 -16.19 7.16 8.81
CA SER A 84 -15.22 6.08 8.81
C SER A 84 -15.91 4.73 8.56
N ASP A 85 -15.16 3.71 8.18
CA ASP A 85 -15.71 2.38 7.97
C ASP A 85 -16.41 1.89 9.23
N VAL A 86 -15.74 2.08 10.37
CA VAL A 86 -16.31 1.69 11.67
C VAL A 86 -17.64 2.39 11.88
N GLU A 87 -17.73 3.71 11.66
CA GLU A 87 -18.96 4.45 11.81
C GLU A 87 -20.10 3.86 10.92
N TYR A 88 -19.79 3.49 9.66
CA TYR A 88 -20.78 2.86 8.83
C TYR A 88 -21.15 1.45 9.37
N ARG A 89 -20.16 0.69 9.78
CA ARG A 89 -20.43 -0.68 10.23
C ARG A 89 -21.35 -0.69 11.46
N VAL A 90 -21.11 0.21 12.40
CA VAL A 90 -21.97 0.30 13.58
C VAL A 90 -23.38 0.68 13.20
N LYS A 91 -23.59 1.36 12.09
CA LYS A 91 -24.94 1.70 11.61
C LYS A 91 -25.59 0.56 10.86
N GLY A 92 -24.81 -0.43 10.46
CA GLY A 92 -25.30 -1.56 9.69
C GLY A 92 -24.92 -1.61 8.23
N LEU A 93 -24.02 -0.72 7.80
CA LEU A 93 -23.57 -0.71 6.41
C LEU A 93 -22.15 -1.20 6.30
N ASN A 94 -21.97 -2.37 5.69
CA ASN A 94 -20.68 -2.99 5.49
C ASN A 94 -20.38 -3.06 3.99
N GLY A 96 -17.41 -3.30 2.24
CA GLY A 96 -16.30 -4.13 1.74
C GLY A 96 -15.39 -3.51 0.70
N ALA A 97 -15.24 -2.19 0.73
CA ALA A 97 -14.25 -1.55 -0.15
C ALA A 97 -12.86 -1.83 0.34
N ASP A 98 -11.87 -1.67 -0.52
CA ASP A 98 -10.50 -1.96 -0.10
C ASP A 98 -9.91 -0.92 0.84
N ASP A 99 -10.38 0.31 0.69
CA ASP A 99 -9.97 1.39 1.58
C ASP A 99 -11.04 2.46 1.54
N TYR A 100 -11.03 3.31 2.57
CA TYR A 100 -12.00 4.38 2.73
C TYR A 100 -11.24 5.65 3.07
N LEU A 101 -11.69 6.74 2.51
CA LEU A 101 -11.12 8.06 2.79
C LEU A 101 -12.23 9.02 3.18
N PRO A 102 -12.46 9.17 4.48
CA PRO A 102 -13.50 10.09 4.94
C PRO A 102 -13.11 11.55 4.71
N LYS A 103 -14.12 12.37 4.49
CA LYS A 103 -13.92 13.80 4.23
C LYS A 103 -13.88 14.39 5.61
N PRO A 104 -13.03 15.41 5.87
CA PRO A 104 -12.17 16.01 4.88
C PRO A 104 -10.83 15.32 4.74
N PHE A 105 -10.20 15.42 3.60
CA PHE A 105 -8.90 14.80 3.46
C PHE A 105 -8.03 15.70 2.64
N ASP A 106 -6.75 15.39 2.73
CA ASP A 106 -5.65 16.03 2.04
C ASP A 106 -5.50 15.23 0.77
N LEU A 107 -5.31 15.93 -0.32
CA LEU A 107 -5.05 15.25 -1.56
C LEU A 107 -3.80 14.36 -1.42
N ARG A 108 -2.82 14.79 -0.64
CA ARG A 108 -1.63 14.03 -0.42
C ARG A 108 -2.05 12.67 0.16
N GLU A 109 -3.01 12.67 1.07
CA GLU A 109 -3.46 11.41 1.67
C GLU A 109 -4.16 10.53 0.62
N LEU A 110 -5.01 11.13 -0.17
CA LEU A 110 -5.68 10.37 -1.23
C LEU A 110 -4.62 9.71 -2.12
N ILE A 111 -3.62 10.47 -2.57
CA ILE A 111 -2.61 9.89 -3.44
C ILE A 111 -1.85 8.78 -2.76
N ALA A 112 -1.49 8.97 -1.51
CA ALA A 112 -0.84 7.90 -0.75
C ALA A 112 -1.69 6.62 -0.69
N ARG A 113 -2.99 6.79 -0.45
CA ARG A 113 -3.90 5.65 -0.34
C ARG A 113 -4.02 4.91 -1.68
N VAL A 114 -4.05 5.67 -2.77
CA VAL A 114 -4.05 5.08 -4.09
C VAL A 114 -2.81 4.27 -4.33
N ARG A 115 -1.68 4.84 -3.95
CA ARG A 115 -0.42 4.14 -4.16
C ARG A 115 -0.30 2.88 -3.35
N ALA A 116 -0.84 2.91 -2.14
CA ALA A 116 -0.82 1.71 -1.31
C ALA A 116 -1.70 0.63 -1.90
N LEU A 117 -2.87 1.01 -2.44
CA LEU A 117 -3.74 0.00 -3.06
C LEU A 117 -3.02 -0.64 -4.25
N ILE A 118 -2.30 0.15 -5.03
CA ILE A 118 -1.58 -0.36 -6.20
C ILE A 118 -0.51 -1.34 -5.78
N ARG A 119 0.30 -0.95 -4.82
CA ARG A 119 1.42 -1.82 -4.44
C ARG A 119 0.95 -3.10 -3.81
N ARG A 120 -0.13 -3.03 -3.04
CA ARG A 120 -0.61 -4.22 -2.32
C ARG A 120 -1.28 -5.20 -3.27
N LYS A 121 -1.82 -4.71 -4.36
CA LYS A 121 -2.55 -5.58 -5.28
C LYS A 121 -1.73 -5.96 -6.48
N SER A 122 -0.53 -5.42 -6.62
CA SER A 122 0.26 -5.76 -7.78
C SER A 122 0.73 -7.20 -7.72
N GLU A 123 0.69 -7.88 -8.86
CA GLU A 123 1.12 -9.27 -8.93
C GLU A 123 2.66 -9.34 -8.96
N SER A 124 3.05 -10.51 -8.93
CA SER A 124 4.46 -10.87 -9.04
C SER A 124 5.26 -9.80 -9.73
N LYS A 125 6.14 -9.16 -8.97
CA LYS A 125 6.92 -8.09 -9.55
C LYS A 125 8.40 -8.41 -9.55
N SER A 126 9.09 -8.01 -10.58
CA SER A 126 10.53 -7.91 -10.59
C SER A 126 11.09 -6.93 -9.55
N THR A 127 10.41 -5.81 -9.37
CA THR A 127 10.88 -4.77 -8.46
C THR A 127 10.08 -4.71 -7.16
N LYS A 128 9.33 -5.76 -6.86
CA LYS A 128 8.57 -5.89 -5.62
C LYS A 128 9.04 -7.11 -4.86
N LEU A 129 9.44 -6.94 -3.61
CA LEU A 129 9.78 -8.07 -2.72
C LEU A 129 8.78 -8.09 -1.61
N VAL A 130 8.42 -9.27 -1.17
CA VAL A 130 7.44 -9.39 -0.12
C VAL A 130 7.94 -10.36 0.93
N CYS A 131 7.68 -10.04 2.19
CA CYS A 131 7.99 -10.95 3.29
C CYS A 131 6.78 -10.79 4.20
N GLY A 132 5.91 -11.78 4.17
CA GLY A 132 4.67 -11.67 4.92
C GLY A 132 3.86 -10.50 4.35
N ASP A 133 3.50 -9.58 5.20
CA ASP A 133 2.74 -8.41 4.81
C ASP A 133 3.65 -7.20 4.63
N LEU A 134 4.97 -7.40 4.65
CA LEU A 134 5.93 -6.31 4.39
C LEU A 134 6.19 -6.29 2.91
N ILE A 135 6.17 -5.08 2.30
CA ILE A 135 6.47 -4.89 0.89
C ILE A 135 7.68 -3.99 0.74
N LEU A 136 8.63 -4.42 -0.08
CA LEU A 136 9.74 -3.59 -0.47
C LEU A 136 9.60 -3.27 -1.97
N ASP A 137 9.66 -1.98 -2.28
CA ASP A 137 9.74 -1.52 -3.65
C ASP A 137 11.21 -1.36 -3.94
N THR A 138 11.80 -2.35 -4.57
CA THR A 138 13.23 -2.34 -4.79
C THR A 138 13.61 -1.37 -5.88
N ALA A 139 12.63 -0.88 -6.63
CA ALA A 139 12.91 0.10 -7.68
C ALA A 139 13.17 1.48 -7.09
N THR A 140 12.51 1.82 -5.99
CA THR A 140 12.70 3.09 -5.32
C THR A 140 13.41 2.98 -3.93
N LYS A 141 13.74 1.76 -3.54
CA LYS A 141 14.33 1.48 -2.21
C LYS A 141 13.48 2.02 -1.06
N LYS A 142 12.21 1.63 -1.06
CA LYS A 142 11.27 2.01 -0.03
C LYS A 142 10.60 0.75 0.51
N ALA A 143 10.17 0.83 1.76
CA ALA A 143 9.55 -0.29 2.44
C ALA A 143 8.23 0.16 3.03
N TYR A 144 7.26 -0.75 3.02
CA TYR A 144 5.90 -0.48 3.46
C TYR A 144 5.35 -1.66 4.25
N ARG A 145 4.49 -1.35 5.21
CA ARG A 145 3.75 -2.38 5.93
C ARG A 145 2.49 -1.72 6.50
N GLY A 146 1.37 -2.42 6.44
CA GLY A 146 0.14 -1.84 6.98
C GLY A 146 -0.32 -0.62 6.23
N SER A 147 -0.03 -0.60 4.93
CA SER A 147 -0.37 0.50 4.00
C SER A 147 0.36 1.81 4.33
N LYS A 148 1.45 1.73 5.09
CA LYS A 148 2.22 2.88 5.50
C LYS A 148 3.69 2.69 5.14
N GLU A 149 4.33 3.74 4.67
CA GLU A 149 5.75 3.76 4.37
C GLU A 149 6.49 3.69 5.68
N ILE A 150 7.54 2.88 5.71
CA ILE A 150 8.38 2.76 6.86
C ILE A 150 9.56 3.70 6.65
N ASP A 151 9.77 4.53 7.65
CA ASP A 151 10.79 5.56 7.54
C ASP A 151 12.19 5.04 7.88
N LEU A 152 12.74 4.30 6.95
CA LEU A 152 14.04 3.68 7.11
C LEU A 152 15.14 4.59 6.66
N THR A 153 16.29 4.51 7.32
CA THR A 153 17.45 5.17 6.79
C THR A 153 17.96 4.37 5.64
N LYS A 154 18.88 4.92 4.88
CA LYS A 154 19.38 4.22 3.71
C LYS A 154 20.07 2.88 4.10
N LYS A 155 20.84 2.91 5.18
CA LYS A 155 21.55 1.72 5.65
C LYS A 155 20.56 0.67 6.12
N GLU A 156 19.53 1.11 6.83
CA GLU A 156 18.50 0.22 7.33
C GLU A 156 17.84 -0.49 6.14
N TYR A 157 17.49 0.28 5.11
CA TYR A 157 16.89 -0.34 3.94
C TYR A 157 17.81 -1.38 3.28
N GLN A 158 19.11 -1.08 3.09
CA GLN A 158 20.03 -2.03 2.45
C GLN A 158 20.07 -3.35 3.23
N ILE A 159 20.08 -3.22 4.55
CA ILE A 159 20.11 -4.42 5.38
C ILE A 159 18.78 -5.20 5.26
N LEU A 160 17.67 -4.47 5.33
CA LEU A 160 16.36 -5.07 5.22
C LEU A 160 16.16 -5.78 3.88
N GLU A 161 16.57 -5.14 2.79
CA GLU A 161 16.43 -5.74 1.49
C GLU A 161 17.21 -7.05 1.39
N TYR A 162 18.42 -7.04 1.94
CA TYR A 162 19.21 -8.25 1.88
C TYR A 162 18.54 -9.40 2.67
N LEU A 163 18.07 -9.08 3.86
CA LEU A 163 17.36 -10.09 4.68
C LEU A 163 16.11 -10.61 3.99
N VAL A 164 15.35 -9.71 3.36
CA VAL A 164 14.12 -10.09 2.68
C VAL A 164 14.39 -10.90 1.40
N ASN A 166 16.66 -12.82 1.12
CA ASN A 166 17.06 -14.12 1.68
C ASN A 166 16.16 -14.54 2.84
N LYS A 167 14.88 -14.26 2.69
CA LYS A 167 13.95 -14.47 3.80
C LYS A 167 13.89 -15.93 4.22
N ASN A 168 13.71 -16.12 5.51
CA ASN A 168 13.67 -17.44 6.12
C ASN A 168 15.01 -18.16 6.19
N ARG A 169 16.08 -17.51 5.79
CA ARG A 169 17.43 -18.03 5.93
C ARG A 169 18.23 -17.10 6.83
N VAL A 170 18.91 -17.66 7.82
CA VAL A 170 19.71 -16.88 8.70
C VAL A 170 20.90 -16.34 7.93
N VAL A 171 21.13 -15.03 8.05
CA VAL A 171 22.27 -14.39 7.44
C VAL A 171 23.25 -13.91 8.52
N THR A 172 24.53 -14.27 8.42
CA THR A 172 25.52 -13.83 9.42
C THR A 172 26.00 -12.41 9.24
N LYS A 173 26.63 -11.86 10.27
CA LYS A 173 27.21 -10.52 10.21
C LYS A 173 28.25 -10.53 9.11
N GLU A 174 28.94 -11.67 8.99
CA GLU A 174 29.99 -11.83 8.00
C GLU A 174 29.43 -11.74 6.58
N GLU A 175 28.31 -12.41 6.34
CA GLU A 175 27.68 -12.34 5.02
C GLU A 175 27.20 -10.92 4.75
N LEU A 176 26.59 -10.26 5.74
CA LEU A 176 26.15 -8.89 5.57
C LEU A 176 27.32 -7.97 5.26
N GLN A 177 28.38 -8.09 6.06
CA GLN A 177 29.55 -7.24 5.89
C GLN A 177 30.08 -7.37 4.47
N GLU A 178 30.15 -8.60 3.98
CA GLU A 178 30.65 -8.85 2.65
C GLU A 178 29.78 -8.18 1.59
N HIS A 179 28.49 -8.11 1.83
CA HIS A 179 27.57 -7.57 0.82
C HIS A 179 27.28 -6.08 0.93
N LEU A 180 27.41 -5.51 2.11
CA LEU A 180 27.15 -4.09 2.31
C LEU A 180 28.43 -3.29 2.12
N TRP A 181 28.27 -2.03 1.74
CA TRP A 181 29.41 -1.13 1.56
C TRP A 181 30.08 -0.93 2.90
N VAL A 187 33.55 -1.39 14.14
CA VAL A 187 32.77 -0.38 13.42
C VAL A 187 31.46 -1.02 12.97
N PHE A 188 31.59 -1.72 11.77
CA PHE A 188 30.45 -2.53 11.28
C PHE A 188 29.79 -3.44 12.36
N SER A 189 30.64 -4.22 13.00
CA SER A 189 30.26 -5.17 14.01
C SER A 189 29.45 -4.48 15.08
N ASP A 190 29.94 -3.34 15.55
CA ASP A 190 29.23 -2.61 16.60
C ASP A 190 27.89 -2.07 16.11
N VAL A 191 27.89 -1.36 14.99
CA VAL A 191 26.65 -0.68 14.59
C VAL A 191 25.57 -1.62 14.07
N LEU A 192 25.96 -2.77 13.52
CA LEU A 192 24.97 -3.71 12.95
C LEU A 192 23.89 -4.04 13.98
N ARG A 193 24.25 -4.33 15.23
CA ARG A 193 23.23 -4.63 16.23
C ARG A 193 22.25 -3.47 16.44
N SER A 194 22.73 -2.22 16.33
CA SER A 194 21.86 -1.06 16.47
C SER A 194 20.93 -0.97 15.27
N HIS A 195 21.48 -1.20 14.08
CA HIS A 195 20.65 -1.17 12.86
C HIS A 195 19.53 -2.18 12.96
N ILE A 196 19.85 -3.39 13.40
CA ILE A 196 18.84 -4.41 13.47
C ILE A 196 17.80 -4.02 14.54
N LYS A 197 18.27 -3.53 15.69
CA LYS A 197 17.31 -3.11 16.73
C LYS A 197 16.33 -2.04 16.17
N ASN A 198 16.88 -1.08 15.46
CA ASN A 198 16.06 -0.03 14.87
C ASN A 198 15.10 -0.55 13.80
N LEU A 199 15.58 -1.49 12.98
CA LEU A 199 14.73 -2.14 11.99
C LEU A 199 13.59 -2.89 12.62
N ARG A 200 13.89 -3.58 13.72
CA ARG A 200 12.91 -4.34 14.41
C ARG A 200 11.79 -3.44 14.89
N LYS A 201 12.14 -2.28 15.44
CA LYS A 201 11.17 -1.32 15.90
C LYS A 201 10.35 -0.76 14.73
N LYS A 202 11.02 -0.34 13.68
CA LYS A 202 10.33 0.27 12.55
C LYS A 202 9.44 -0.67 11.74
N VAL A 203 9.86 -1.93 11.61
CA VAL A 203 9.10 -2.92 10.88
C VAL A 203 7.99 -3.59 11.70
N ASP A 204 8.33 -4.00 12.93
CA ASP A 204 7.43 -4.84 13.71
C ASP A 204 6.62 -4.21 14.82
N LYS A 205 6.94 -2.98 15.22
CA LYS A 205 6.15 -2.37 16.30
C LYS A 205 4.68 -2.26 15.93
N GLY A 206 3.79 -2.74 16.81
CA GLY A 206 2.36 -2.68 16.58
C GLY A 206 1.84 -3.83 15.73
N PHE A 207 2.75 -4.71 15.28
CA PHE A 207 2.32 -5.85 14.49
C PHE A 207 2.49 -7.14 15.28
N LYS A 208 1.47 -8.00 15.23
CA LYS A 208 1.49 -9.29 15.90
C LYS A 208 2.59 -10.20 15.34
N LYS A 209 2.63 -10.30 14.02
CA LYS A 209 3.59 -11.13 13.32
C LYS A 209 4.92 -10.41 13.26
N LYS A 210 5.93 -11.00 13.86
CA LYS A 210 7.23 -10.36 13.94
C LYS A 210 8.11 -10.87 12.82
N ILE A 211 8.54 -9.97 11.93
CA ILE A 211 9.36 -10.33 10.78
C ILE A 211 10.84 -10.36 11.09
N ILE A 212 11.31 -9.38 11.84
CA ILE A 212 12.74 -9.28 12.11
C ILE A 212 13.18 -10.14 13.27
N HIS A 213 14.01 -11.13 13.00
CA HIS A 213 14.48 -12.02 14.07
C HIS A 213 15.99 -12.06 14.17
N THR A 214 16.45 -12.33 15.39
CA THR A 214 17.86 -12.43 15.69
C THR A 214 18.14 -13.81 16.28
N VAL A 215 19.18 -14.44 15.77
CA VAL A 215 19.66 -15.72 16.27
C VAL A 215 20.95 -15.37 17.01
N ARG A 216 20.84 -15.33 18.34
CA ARG A 216 21.89 -14.85 19.21
C ARG A 216 23.26 -15.42 18.91
N GLY A 217 24.20 -14.55 18.60
CA GLY A 217 25.55 -14.93 18.31
C GLY A 217 25.79 -15.49 16.92
N ILE A 218 24.73 -15.54 16.11
CA ILE A 218 24.85 -16.10 14.75
C ILE A 218 24.56 -15.06 13.68
N GLY A 219 23.36 -14.53 13.70
CA GLY A 219 22.95 -13.65 12.63
C GLY A 219 21.53 -13.22 12.76
N TYR A 220 20.96 -12.82 11.62
CA TYR A 220 19.64 -12.23 11.55
C TYR A 220 18.83 -12.85 10.43
N VAL A 221 17.52 -12.74 10.53
CA VAL A 221 16.66 -13.35 9.55
C VAL A 221 15.35 -12.62 9.48
N ALA A 222 14.84 -12.38 8.25
CA ALA A 222 13.49 -11.86 8.06
C ALA A 222 12.62 -13.09 7.82
N ARG A 223 11.61 -13.24 8.66
CA ARG A 223 10.74 -14.42 8.62
C ARG A 223 9.31 -14.16 8.16
N ASP A 224 8.76 -15.08 7.37
CA ASP A 224 7.32 -15.05 7.16
C ASP A 224 6.73 -16.45 7.18
N GLU A 225 7.45 -17.35 7.83
CA GLU A 225 6.97 -18.71 8.09
C GLU A 225 7.47 -19.00 9.51
#